data_7G8U
#
_entry.id   7G8U
#
_cell.length_a   71.379
_cell.length_b   71.379
_cell.length_c   196.612
_cell.angle_alpha   90.000
_cell.angle_beta   90.000
_cell.angle_gamma   90.000
#
_symmetry.space_group_name_H-M   'P 43 21 2'
#
loop_
_entity.id
_entity.type
_entity.pdbx_description
1 polymer 'Transforming protein RhoA'
2 polymer 'Rho guanine nucleotide exchange factor 2'
3 non-polymer 'DIMETHYL SULFOXIDE'
4 non-polymer 'FORMIC ACID'
5 non-polymer (3S)-3-{[(4R)-4-methyl-3,4-dihydropyridin-1(2H)-yl]methyl}-3H-indole
6 water water
#
loop_
_entity_poly.entity_id
_entity_poly.type
_entity_poly.pdbx_seq_one_letter_code
_entity_poly.pdbx_strand_id
1 'polypeptide(L)'
;SMAAIRKKLVIVGDGACGKTCLLIVFSKDQFPEVYVPTVFENYVADIEVDGKQVELALWDTAGQEDYDRLRPLSYPDTDV
ILMCFSIDSPDSLENIPEKWTPEVKHFCPNVPIILVGNKKDLRNDEHTRRELAKMKQEPVKPEEGRDMANRIGAFGYMEC
SAKTKDGVREVFEMATRAALQARRG
;
A
2 'polypeptide(L)'
;SMEMDEKDFAADSWSLAVDSSFLQQHKKEVMKQQDVIYELIQTELHHVRTLKIMTRLFRTGMLEELHLEPGVVQGLFPCV
DELSDIHTRFLSQLLERRRQALCPGSTRNFVIHRLGDLLISQFSGPSAEQMCKTYSEFCSRHSKALKLYKELYARDKRFQ
QFIRKVTRPAVLKRHGVQECILLVTQRITKYPLLISRILQHSHGIEEERQDLTTALGLVKELLSNVDEGIYQLEKGARLQ
EIYNR
;
B
#
loop_
_chem_comp.id
_chem_comp.type
_chem_comp.name
_chem_comp.formula
DMS non-polymer 'DIMETHYL SULFOXIDE' 'C2 H6 O S'
FMT non-polymer 'FORMIC ACID' 'C H2 O2'
Z3O non-polymer (3S)-3-{[(4R)-4-methyl-3,4-dihydropyridin-1(2H)-yl]methyl}-3H-indole 'C15 H18 N2'
#
# COMPACT_ATOMS: atom_id res chain seq x y z
N ALA A 4 11.56 -9.59 20.88
CA ALA A 4 10.54 -9.23 19.89
C ALA A 4 11.08 -9.36 18.46
N ILE A 5 11.30 -10.61 17.98
CA ILE A 5 11.83 -10.85 16.65
C ILE A 5 10.91 -10.24 15.56
N ARG A 6 11.48 -9.68 14.49
CA ARG A 6 10.70 -9.04 13.44
C ARG A 6 10.46 -10.03 12.29
N LYS A 7 9.20 -10.16 11.85
CA LYS A 7 8.81 -11.03 10.74
C LYS A 7 7.97 -10.23 9.72
N LYS A 8 8.04 -10.58 8.45
CA LYS A 8 7.29 -9.88 7.39
C LYS A 8 6.19 -10.77 6.79
N LEU A 9 4.96 -10.26 6.78
CA LEU A 9 3.81 -10.96 6.21
C LEU A 9 3.37 -10.17 4.97
N VAL A 10 3.10 -10.85 3.86
CA VAL A 10 2.58 -10.21 2.65
C VAL A 10 1.26 -10.91 2.28
N ILE A 11 0.25 -10.12 1.92
CA ILE A 11 -1.05 -10.68 1.52
CA ILE A 11 -1.04 -10.68 1.51
C ILE A 11 -1.20 -10.55 0.00
N VAL A 12 -1.51 -11.66 -0.65
CA VAL A 12 -1.66 -11.71 -2.10
CA VAL A 12 -1.64 -11.73 -2.10
C VAL A 12 -3.08 -12.17 -2.48
N GLY A 13 -3.49 -11.93 -3.73
CA GLY A 13 -4.82 -12.33 -4.17
C GLY A 13 -5.42 -11.40 -5.19
N ASP A 14 -6.59 -11.77 -5.73
CA ASP A 14 -7.27 -10.95 -6.71
C ASP A 14 -7.79 -9.65 -6.10
N GLY A 15 -8.01 -8.64 -6.93
CA GLY A 15 -8.45 -7.34 -6.46
C GLY A 15 -9.69 -7.31 -5.59
N ALA A 16 -10.70 -8.12 -5.94
CA ALA A 16 -11.94 -8.14 -5.18
C ALA A 16 -12.00 -9.26 -4.14
N CYS A 17 -10.84 -9.71 -3.62
CA CYS A 17 -10.84 -10.77 -2.61
C CYS A 17 -11.02 -10.26 -1.17
N GLY A 18 -10.86 -8.95 -0.95
CA GLY A 18 -10.99 -8.32 0.36
C GLY A 18 -9.75 -8.38 1.24
N LYS A 19 -8.55 -8.27 0.66
CA LYS A 19 -7.30 -8.36 1.43
C LYS A 19 -7.01 -7.11 2.21
N THR A 20 -7.31 -5.95 1.63
CA THR A 20 -7.09 -4.67 2.29
C THR A 20 -8.01 -4.57 3.49
N CYS A 21 -9.28 -5.01 3.37
CA CYS A 21 -10.24 -4.95 4.46
C CYS A 21 -9.79 -5.75 5.66
N LEU A 22 -9.22 -6.93 5.40
CA LEU A 22 -8.73 -7.83 6.41
C LEU A 22 -7.60 -7.13 7.21
N LEU A 23 -6.62 -6.52 6.51
CA LEU A 23 -5.47 -5.85 7.09
C LEU A 23 -5.83 -4.64 7.93
N ILE A 24 -6.88 -3.93 7.52
CA ILE A 24 -7.39 -2.75 8.21
C ILE A 24 -8.09 -3.14 9.51
N VAL A 25 -9.00 -4.13 9.45
CA VAL A 25 -9.76 -4.63 10.60
C VAL A 25 -8.86 -5.22 11.68
N PHE A 26 -7.74 -5.83 11.27
CA PHE A 26 -6.80 -6.40 12.23
C PHE A 26 -6.01 -5.31 12.93
N SER A 27 -5.42 -4.37 12.15
CA SER A 27 -4.61 -3.27 12.67
C SER A 27 -5.41 -2.31 13.55
N LYS A 28 -6.59 -1.90 13.11
CA LYS A 28 -7.46 -1.05 13.92
C LYS A 28 -8.05 -1.84 15.12
N ASP A 29 -8.26 -3.17 14.93
CA ASP A 29 -8.88 -4.17 15.82
C ASP A 29 -10.40 -3.96 16.01
N GLN A 30 -10.98 -3.11 15.16
CA GLN A 30 -12.35 -2.61 15.18
C GLN A 30 -12.86 -2.46 13.75
N PHE A 31 -14.16 -2.79 13.50
CA PHE A 31 -14.72 -2.54 12.18
C PHE A 31 -14.92 -1.02 12.06
N PRO A 32 -14.27 -0.41 11.05
CA PRO A 32 -14.34 1.07 10.90
C PRO A 32 -15.75 1.61 10.77
N GLU A 33 -16.28 2.16 11.87
CA GLU A 33 -17.63 2.70 12.01
C GLU A 33 -17.99 3.88 11.09
N VAL A 34 -17.04 4.79 10.86
CA VAL A 34 -17.34 5.99 10.08
C VAL A 34 -16.81 5.95 8.63
N TYR A 35 -15.60 5.42 8.40
CA TYR A 35 -15.05 5.38 7.05
C TYR A 35 -14.15 4.19 6.91
N VAL A 36 -14.39 3.36 5.87
CA VAL A 36 -13.53 2.20 5.62
C VAL A 36 -12.50 2.69 4.60
N PRO A 37 -11.22 2.75 4.97
CA PRO A 37 -10.20 3.27 4.03
C PRO A 37 -10.06 2.54 2.71
N THR A 38 -9.67 3.27 1.67
CA THR A 38 -9.44 2.74 0.33
C THR A 38 -8.12 1.98 0.29
N VAL A 39 -7.08 2.53 0.92
CA VAL A 39 -5.75 1.90 0.88
C VAL A 39 -5.21 1.50 2.28
N PHE A 40 -4.21 0.62 2.28
CA PHE A 40 -3.49 0.22 3.48
C PHE A 40 -2.01 0.49 3.16
N GLU A 41 -1.30 1.26 3.97
CA GLU A 41 0.12 1.57 3.73
C GLU A 41 0.94 0.39 4.30
N ASN A 42 1.22 0.39 5.59
CA ASN A 42 1.88 -0.71 6.29
C ASN A 42 1.56 -0.62 7.79
N TYR A 43 2.02 -1.59 8.56
CA TYR A 43 1.74 -1.63 9.99
C TYR A 43 2.63 -2.65 10.63
N VAL A 44 3.12 -2.35 11.83
CA VAL A 44 3.93 -3.33 12.57
C VAL A 44 3.12 -3.75 13.79
N ALA A 45 2.48 -4.93 13.71
CA ALA A 45 1.66 -5.48 14.78
C ALA A 45 2.46 -6.08 15.94
N ASP A 46 2.04 -5.77 17.16
CA ASP A 46 2.64 -6.34 18.36
C ASP A 46 1.81 -7.58 18.65
N ILE A 47 2.41 -8.76 18.43
CA ILE A 47 1.73 -10.04 18.59
CA ILE A 47 1.69 -10.00 18.67
C ILE A 47 2.54 -10.97 19.49
N GLU A 48 1.90 -11.64 20.47
CA GLU A 48 2.59 -12.61 21.29
C GLU A 48 1.85 -13.92 21.12
N VAL A 49 2.35 -14.80 20.25
CA VAL A 49 1.71 -16.09 20.02
C VAL A 49 2.51 -17.23 20.64
N ASP A 50 1.86 -17.99 21.54
CA ASP A 50 2.42 -19.16 22.24
C ASP A 50 3.63 -18.83 23.13
N GLY A 51 3.60 -17.66 23.76
CA GLY A 51 4.66 -17.26 24.66
C GLY A 51 5.83 -16.56 24.00
N LYS A 52 5.79 -16.40 22.66
CA LYS A 52 6.87 -15.73 21.91
C LYS A 52 6.40 -14.37 21.43
N GLN A 53 7.17 -13.31 21.72
CA GLN A 53 6.84 -11.95 21.28
CA GLN A 53 6.85 -11.95 21.29
C GLN A 53 7.44 -11.71 19.90
N VAL A 54 6.59 -11.36 18.92
CA VAL A 54 7.00 -11.09 17.54
C VAL A 54 6.37 -9.79 17.05
N GLU A 55 7.13 -8.94 16.32
CA GLU A 55 6.61 -7.73 15.67
C GLU A 55 6.34 -8.20 14.26
N LEU A 56 5.09 -8.17 13.82
CA LEU A 56 4.74 -8.64 12.48
C LEU A 56 4.45 -7.47 11.54
N ALA A 57 5.30 -7.24 10.51
CA ALA A 57 5.06 -6.18 9.53
C ALA A 57 4.02 -6.68 8.53
N LEU A 58 2.98 -5.90 8.32
CA LEU A 58 1.85 -6.28 7.48
C LEU A 58 1.89 -5.53 6.19
N TRP A 59 1.95 -6.26 5.07
CA TRP A 59 2.01 -5.63 3.76
C TRP A 59 0.89 -6.10 2.83
N ASP A 60 0.59 -5.29 1.82
CA ASP A 60 -0.48 -5.57 0.85
C ASP A 60 0.02 -5.42 -0.59
N THR A 61 -0.48 -6.25 -1.52
CA THR A 61 -0.14 -6.10 -2.94
C THR A 61 -1.28 -5.41 -3.74
N ALA A 62 -2.33 -4.93 -3.06
CA ALA A 62 -3.47 -4.27 -3.68
C ALA A 62 -3.03 -3.07 -4.50
N GLY A 63 -3.44 -3.09 -5.76
CA GLY A 63 -3.07 -2.09 -6.75
C GLY A 63 -2.00 -2.59 -7.70
N GLN A 64 -1.24 -3.63 -7.30
CA GLN A 64 -0.14 -4.15 -8.09
C GLN A 64 -0.49 -5.30 -9.02
N GLU A 65 -1.68 -5.87 -8.91
CA GLU A 65 -2.08 -7.05 -9.67
C GLU A 65 -1.82 -7.01 -11.20
N ASP A 66 -1.92 -5.84 -11.88
CA ASP A 66 -1.66 -5.79 -13.34
C ASP A 66 -0.20 -5.50 -13.70
N TYR A 67 0.62 -5.11 -12.71
CA TYR A 67 2.01 -4.68 -12.93
C TYR A 67 2.96 -5.76 -12.49
N ASP A 68 3.29 -6.63 -13.44
CA ASP A 68 4.12 -7.80 -13.27
C ASP A 68 5.57 -7.50 -12.90
N ARG A 69 6.13 -6.37 -13.30
CA ARG A 69 7.50 -5.99 -12.92
C ARG A 69 7.55 -5.04 -11.70
N LEU A 70 6.40 -4.70 -11.10
CA LEU A 70 6.33 -3.83 -9.92
C LEU A 70 5.95 -4.64 -8.70
N ARG A 71 4.98 -5.57 -8.85
CA ARG A 71 4.48 -6.47 -7.80
C ARG A 71 5.56 -7.27 -7.06
N PRO A 72 6.53 -7.92 -7.75
CA PRO A 72 7.54 -8.70 -7.02
C PRO A 72 8.45 -7.92 -6.09
N LEU A 73 8.48 -6.59 -6.20
CA LEU A 73 9.26 -5.75 -5.30
C LEU A 73 8.72 -5.73 -3.85
N SER A 74 7.55 -6.37 -3.61
CA SER A 74 6.93 -6.54 -2.31
C SER A 74 7.40 -7.84 -1.63
N TYR A 75 7.94 -8.81 -2.41
CA TYR A 75 8.33 -10.14 -1.94
C TYR A 75 9.65 -10.28 -1.18
N PRO A 76 10.70 -9.45 -1.41
CA PRO A 76 11.96 -9.66 -0.67
C PRO A 76 11.84 -9.72 0.85
N ASP A 77 12.41 -10.78 1.47
CA ASP A 77 12.46 -11.02 2.92
C ASP A 77 11.13 -11.45 3.55
N THR A 78 10.19 -11.94 2.76
CA THR A 78 8.90 -12.37 3.28
C THR A 78 9.07 -13.62 4.15
N ASP A 79 8.36 -13.68 5.27
CA ASP A 79 8.44 -14.81 6.18
C ASP A 79 7.18 -15.68 6.13
N VAL A 80 6.03 -15.07 5.80
CA VAL A 80 4.75 -15.76 5.66
C VAL A 80 3.90 -15.09 4.58
N ILE A 81 3.31 -15.90 3.68
CA ILE A 81 2.46 -15.38 2.62
C ILE A 81 0.99 -15.74 2.93
N LEU A 82 0.08 -14.75 2.92
CA LEU A 82 -1.33 -15.05 3.07
C LEU A 82 -1.96 -14.99 1.69
N MET A 83 -2.39 -16.14 1.21
CA MET A 83 -3.00 -16.26 -0.11
CA MET A 83 -2.99 -16.26 -0.11
C MET A 83 -4.50 -16.11 0.05
N CYS A 84 -5.04 -14.97 -0.36
CA CYS A 84 -6.45 -14.67 -0.20
CA CYS A 84 -6.46 -14.65 -0.21
C CYS A 84 -7.28 -14.98 -1.43
N PHE A 85 -8.56 -15.26 -1.20
CA PHE A 85 -9.61 -15.50 -2.18
C PHE A 85 -10.95 -15.20 -1.51
N SER A 86 -11.94 -14.77 -2.28
CA SER A 86 -13.25 -14.45 -1.74
C SER A 86 -14.18 -15.67 -1.76
N ILE A 87 -14.98 -15.86 -0.72
CA ILE A 87 -15.91 -17.01 -0.68
C ILE A 87 -17.13 -16.76 -1.60
N ASP A 88 -17.48 -15.49 -1.86
CA ASP A 88 -18.58 -15.16 -2.77
C ASP A 88 -18.11 -15.05 -4.26
N SER A 89 -16.89 -15.46 -4.54
CA SER A 89 -16.31 -15.40 -5.87
C SER A 89 -15.55 -16.71 -6.15
N PRO A 90 -16.25 -17.78 -6.60
CA PRO A 90 -15.56 -19.05 -6.89
C PRO A 90 -14.46 -18.97 -7.95
N ASP A 91 -14.53 -17.98 -8.85
CA ASP A 91 -13.50 -17.80 -9.87
C ASP A 91 -12.16 -17.24 -9.28
N SER A 92 -12.21 -16.60 -8.10
CA SER A 92 -10.98 -16.12 -7.46
C SER A 92 -10.16 -17.30 -6.94
N LEU A 93 -10.83 -18.39 -6.49
CA LEU A 93 -10.19 -19.60 -6.01
C LEU A 93 -9.56 -20.36 -7.18
N GLU A 94 -10.21 -20.36 -8.34
CA GLU A 94 -9.73 -21.01 -9.55
C GLU A 94 -8.40 -20.38 -10.03
N ASN A 95 -8.23 -19.06 -9.82
CA ASN A 95 -7.02 -18.31 -10.19
C ASN A 95 -5.80 -18.59 -9.28
N ILE A 96 -6.04 -19.10 -8.05
CA ILE A 96 -5.01 -19.38 -7.05
C ILE A 96 -3.92 -20.35 -7.56
N PRO A 97 -4.22 -21.56 -8.10
CA PRO A 97 -3.12 -22.45 -8.51
C PRO A 97 -2.47 -22.14 -9.84
N GLU A 98 -3.15 -21.37 -10.72
CA GLU A 98 -2.61 -21.11 -12.03
C GLU A 98 -2.09 -19.69 -12.26
N LYS A 99 -2.28 -18.78 -11.29
CA LYS A 99 -1.72 -17.45 -11.44
C LYS A 99 -0.81 -17.10 -10.27
N TRP A 100 -1.32 -17.13 -9.03
CA TRP A 100 -0.60 -16.71 -7.85
C TRP A 100 0.40 -17.68 -7.30
N THR A 101 0.07 -18.97 -7.27
CA THR A 101 0.89 -20.01 -6.68
C THR A 101 2.24 -20.17 -7.42
N PRO A 102 2.30 -20.25 -8.77
CA PRO A 102 3.63 -20.35 -9.42
C PRO A 102 4.54 -19.16 -9.10
N GLU A 103 3.95 -17.96 -9.02
CA GLU A 103 4.64 -16.70 -8.75
C GLU A 103 5.17 -16.61 -7.31
N VAL A 104 4.36 -17.02 -6.32
CA VAL A 104 4.80 -16.94 -4.93
C VAL A 104 5.92 -17.93 -4.69
N LYS A 105 5.80 -19.18 -5.19
CA LYS A 105 6.83 -20.21 -5.01
C LYS A 105 8.14 -19.94 -5.74
N HIS A 106 8.15 -18.99 -6.71
CA HIS A 106 9.33 -18.61 -7.49
C HIS A 106 10.12 -17.52 -6.77
N PHE A 107 9.42 -16.48 -6.30
CA PHE A 107 10.06 -15.36 -5.63
C PHE A 107 10.29 -15.58 -4.15
N CYS A 108 9.49 -16.45 -3.53
CA CYS A 108 9.57 -16.74 -2.10
C CYS A 108 9.73 -18.24 -1.93
N PRO A 109 10.89 -18.78 -2.26
CA PRO A 109 11.06 -20.24 -2.16
C PRO A 109 11.19 -20.67 -0.71
N ASN A 110 10.41 -21.69 -0.32
CA ASN A 110 10.41 -22.22 1.03
C ASN A 110 9.70 -21.32 2.05
N VAL A 111 8.94 -20.28 1.61
CA VAL A 111 8.18 -19.42 2.52
C VAL A 111 6.78 -20.04 2.69
N PRO A 112 6.32 -20.35 3.93
CA PRO A 112 4.97 -20.94 4.10
C PRO A 112 3.83 -20.12 3.53
N ILE A 113 2.80 -20.76 3.00
CA ILE A 113 1.64 -20.08 2.43
C ILE A 113 0.40 -20.49 3.19
N ILE A 114 -0.44 -19.54 3.62
CA ILE A 114 -1.69 -19.87 4.30
C ILE A 114 -2.82 -19.50 3.35
N LEU A 115 -3.70 -20.45 3.01
CA LEU A 115 -4.84 -20.14 2.13
C LEU A 115 -5.95 -19.57 3.00
N VAL A 116 -6.28 -18.29 2.76
CA VAL A 116 -7.32 -17.59 3.51
C VAL A 116 -8.54 -17.31 2.63
N GLY A 117 -9.67 -17.87 3.00
CA GLY A 117 -10.92 -17.61 2.32
C GLY A 117 -11.64 -16.50 3.06
N ASN A 118 -11.64 -15.28 2.51
CA ASN A 118 -12.30 -14.12 3.10
CA ASN A 118 -12.32 -14.17 3.19
C ASN A 118 -13.81 -14.14 2.80
N LYS A 119 -14.60 -13.33 3.53
CA LYS A 119 -16.01 -13.09 3.33
C LYS A 119 -16.86 -14.29 3.58
N LYS A 120 -16.49 -15.10 4.58
CA LYS A 120 -17.25 -16.30 4.92
C LYS A 120 -18.70 -16.03 5.31
N ASP A 121 -19.04 -14.76 5.67
CA ASP A 121 -20.38 -14.30 6.03
C ASP A 121 -21.35 -14.42 4.84
N LEU A 122 -20.84 -14.16 3.63
CA LEU A 122 -21.58 -14.21 2.37
C LEU A 122 -22.02 -15.61 1.96
N ARG A 123 -21.39 -16.64 2.53
CA ARG A 123 -21.77 -18.03 2.29
C ARG A 123 -23.23 -18.26 2.76
N ASN A 124 -23.67 -17.55 3.81
CA ASN A 124 -25.04 -17.61 4.28
C ASN A 124 -25.72 -16.25 4.08
N ASP A 125 -25.61 -15.70 2.86
CA ASP A 125 -26.21 -14.41 2.47
C ASP A 125 -27.17 -14.64 1.29
N GLU A 126 -28.38 -14.06 1.38
CA GLU A 126 -29.44 -14.22 0.38
C GLU A 126 -29.10 -13.63 -0.99
N HIS A 127 -28.73 -12.34 -1.07
CA HIS A 127 -28.39 -11.68 -2.33
C HIS A 127 -27.18 -12.29 -3.01
N THR A 128 -26.21 -12.79 -2.21
CA THR A 128 -24.99 -13.39 -2.73
C THR A 128 -25.26 -14.73 -3.41
N ARG A 129 -26.04 -15.62 -2.78
CA ARG A 129 -26.38 -16.90 -3.39
C ARG A 129 -27.25 -16.72 -4.63
N ARG A 130 -28.10 -15.67 -4.64
CA ARG A 130 -28.99 -15.32 -5.74
C ARG A 130 -28.24 -14.83 -6.98
N GLU A 131 -27.19 -14.01 -6.81
CA GLU A 131 -26.41 -13.51 -7.94
C GLU A 131 -25.62 -14.62 -8.62
N LEU A 132 -24.99 -15.50 -7.81
CA LEU A 132 -24.16 -16.60 -8.28
C LEU A 132 -24.98 -17.63 -9.04
N ALA A 133 -26.22 -17.91 -8.59
CA ALA A 133 -27.13 -18.83 -9.27
C ALA A 133 -27.43 -18.38 -10.71
N LYS A 134 -27.41 -17.06 -10.96
CA LYS A 134 -27.62 -16.45 -12.27
C LYS A 134 -26.38 -16.52 -13.21
N MET A 135 -25.39 -17.35 -12.84
CA MET A 135 -24.16 -17.66 -13.60
C MET A 135 -23.79 -19.16 -13.43
N LYS A 136 -24.76 -20.02 -13.02
CA LYS A 136 -24.60 -21.45 -12.74
C LYS A 136 -23.46 -21.66 -11.74
N GLN A 137 -23.67 -21.14 -10.50
CA GLN A 137 -22.68 -21.16 -9.41
C GLN A 137 -23.30 -21.03 -7.99
N GLU A 138 -22.45 -21.22 -6.97
CA GLU A 138 -22.76 -21.12 -5.54
C GLU A 138 -21.49 -20.71 -4.76
N PRO A 139 -21.56 -20.22 -3.50
CA PRO A 139 -20.33 -19.83 -2.79
C PRO A 139 -19.37 -20.99 -2.56
N VAL A 140 -18.06 -20.68 -2.44
CA VAL A 140 -17.02 -21.68 -2.20
C VAL A 140 -17.32 -22.45 -0.92
N LYS A 141 -17.41 -23.78 -1.01
CA LYS A 141 -17.69 -24.62 0.15
C LYS A 141 -16.41 -24.87 0.96
N PRO A 142 -16.53 -25.15 2.27
CA PRO A 142 -15.33 -25.38 3.09
C PRO A 142 -14.37 -26.44 2.54
N GLU A 143 -14.90 -27.58 2.06
CA GLU A 143 -14.08 -28.66 1.50
C GLU A 143 -13.39 -28.26 0.19
N GLU A 144 -13.95 -27.29 -0.55
CA GLU A 144 -13.33 -26.83 -1.79
C GLU A 144 -12.08 -25.99 -1.49
N GLY A 145 -12.14 -25.18 -0.44
CA GLY A 145 -11.00 -24.37 -0.03
C GLY A 145 -9.91 -25.25 0.55
N ARG A 146 -10.30 -26.24 1.35
CA ARG A 146 -9.35 -27.17 1.97
C ARG A 146 -8.66 -28.01 0.91
N ASP A 147 -9.39 -28.46 -0.13
CA ASP A 147 -8.82 -29.25 -1.22
C ASP A 147 -7.80 -28.44 -2.00
N MET A 148 -8.09 -27.17 -2.23
CA MET A 148 -7.17 -26.29 -2.96
C MET A 148 -5.91 -26.05 -2.13
N ALA A 149 -6.07 -25.80 -0.83
CA ALA A 149 -4.93 -25.57 0.06
C ALA A 149 -4.00 -26.78 0.07
N ASN A 150 -4.56 -27.98 0.01
CA ASN A 150 -3.79 -29.22 -0.06
C ASN A 150 -3.12 -29.33 -1.44
N ARG A 151 -3.89 -29.23 -2.54
CA ARG A 151 -3.40 -29.30 -3.92
C ARG A 151 -2.22 -28.34 -4.19
N ILE A 152 -2.29 -27.08 -3.71
CA ILE A 152 -1.21 -26.09 -3.89
C ILE A 152 -0.03 -26.23 -2.88
N GLY A 153 -0.13 -27.15 -1.94
CA GLY A 153 0.91 -27.34 -0.93
C GLY A 153 0.97 -26.22 0.09
N ALA A 154 -0.18 -25.77 0.57
CA ALA A 154 -0.25 -24.72 1.59
C ALA A 154 0.03 -25.32 2.96
N PHE A 155 0.53 -24.49 3.87
CA PHE A 155 0.75 -24.82 5.27
C PHE A 155 -0.61 -24.97 5.96
N GLY A 156 -1.55 -24.07 5.66
CA GLY A 156 -2.88 -24.13 6.24
C GLY A 156 -3.98 -23.61 5.34
N TYR A 157 -5.23 -23.86 5.77
CA TYR A 157 -6.44 -23.33 5.16
C TYR A 157 -7.24 -22.74 6.30
N MET A 158 -7.61 -21.48 6.20
CA MET A 158 -8.38 -20.81 7.24
C MET A 158 -9.48 -19.99 6.62
N GLU A 159 -10.54 -19.73 7.38
CA GLU A 159 -11.65 -18.90 6.92
C GLU A 159 -11.92 -17.76 7.91
N CYS A 160 -12.38 -16.62 7.39
CA CYS A 160 -12.71 -15.47 8.23
C CYS A 160 -13.69 -14.54 7.55
N SER A 161 -14.28 -13.65 8.33
CA SER A 161 -15.22 -12.64 7.89
C SER A 161 -14.69 -11.31 8.40
N ALA A 162 -14.08 -10.48 7.52
CA ALA A 162 -13.53 -9.20 7.97
C ALA A 162 -14.61 -8.24 8.49
N LYS A 163 -15.85 -8.33 7.96
CA LYS A 163 -16.99 -7.52 8.36
C LYS A 163 -17.45 -7.83 9.79
N THR A 164 -17.73 -9.10 10.09
CA THR A 164 -18.18 -9.52 11.42
C THR A 164 -17.03 -9.78 12.42
N LYS A 165 -15.76 -9.79 11.95
CA LYS A 165 -14.54 -10.03 12.72
C LYS A 165 -14.30 -11.49 13.13
N ASP A 166 -15.15 -12.45 12.71
CA ASP A 166 -14.93 -13.85 13.07
C ASP A 166 -13.71 -14.42 12.37
N GLY A 167 -12.79 -14.99 13.16
CA GLY A 167 -11.59 -15.68 12.69
C GLY A 167 -10.39 -14.83 12.30
N VAL A 168 -10.54 -13.50 12.32
CA VAL A 168 -9.48 -12.58 11.91
C VAL A 168 -8.26 -12.64 12.83
N ARG A 169 -8.44 -12.64 14.17
CA ARG A 169 -7.32 -12.71 15.12
C ARG A 169 -6.48 -13.97 14.93
N GLU A 170 -7.15 -15.13 14.79
CA GLU A 170 -6.49 -16.42 14.64
C GLU A 170 -5.72 -16.58 13.34
N VAL A 171 -6.13 -15.91 12.24
CA VAL A 171 -5.40 -15.98 10.96
C VAL A 171 -3.98 -15.41 11.19
N PHE A 172 -3.89 -14.27 11.89
CA PHE A 172 -2.66 -13.57 12.17
C PHE A 172 -1.82 -14.18 13.29
N GLU A 173 -2.43 -14.93 14.22
CA GLU A 173 -1.66 -15.65 15.24
C GLU A 173 -1.05 -16.91 14.62
N MET A 174 -1.79 -17.56 13.72
CA MET A 174 -1.30 -18.72 13.00
C MET A 174 -0.22 -18.30 12.01
N ALA A 175 -0.40 -17.14 11.34
CA ALA A 175 0.58 -16.60 10.41
C ALA A 175 1.90 -16.32 11.12
N THR A 176 1.85 -15.79 12.34
CA THR A 176 3.01 -15.50 13.17
C THR A 176 3.75 -16.81 13.46
N ARG A 177 3.01 -17.86 13.80
CA ARG A 177 3.54 -19.20 14.06
C ARG A 177 4.22 -19.77 12.79
N ALA A 178 3.57 -19.69 11.61
CA ALA A 178 4.12 -20.18 10.35
C ALA A 178 5.42 -19.47 10.02
N ALA A 179 5.47 -18.15 10.24
CA ALA A 179 6.65 -17.31 10.00
C ALA A 179 7.82 -17.69 10.91
N LEU A 180 7.53 -18.17 12.13
CA LEU A 180 8.50 -18.58 13.14
C LEU A 180 9.14 -19.96 12.86
N GLN A 181 8.47 -20.81 12.06
CA GLN A 181 9.01 -22.13 11.70
C GLN A 181 10.24 -21.94 10.81
N SER B 1 6.69 15.94 9.18
CA SER B 1 5.69 16.90 8.73
CA SER B 1 5.63 16.86 8.77
C SER B 1 5.45 18.01 9.78
N MET B 2 4.93 19.16 9.32
CA MET B 2 4.69 20.29 10.20
C MET B 2 3.41 20.14 11.00
N GLU B 3 3.39 20.69 12.22
CA GLU B 3 2.29 20.56 13.17
C GLU B 3 0.94 21.06 12.64
N MET B 4 0.94 22.10 11.80
CA MET B 4 -0.29 22.63 11.22
C MET B 4 -1.01 21.57 10.38
N ASP B 5 -0.28 20.90 9.48
CA ASP B 5 -0.82 19.87 8.61
C ASP B 5 -1.14 18.54 9.34
N GLU B 6 -0.42 18.21 10.42
CA GLU B 6 -0.71 16.99 11.18
C GLU B 6 -2.07 17.14 11.85
N LYS B 7 -2.37 18.29 12.47
CA LYS B 7 -3.64 18.49 13.13
C LYS B 7 -4.78 18.54 12.10
N ASP B 8 -4.54 19.19 10.95
CA ASP B 8 -5.54 19.25 9.89
C ASP B 8 -5.89 17.84 9.35
N PHE B 9 -4.96 16.88 9.45
CA PHE B 9 -5.18 15.54 8.97
C PHE B 9 -5.11 14.47 10.08
N ALA B 10 -5.41 14.87 11.33
CA ALA B 10 -5.36 13.95 12.46
C ALA B 10 -6.55 13.00 12.49
N ALA B 11 -7.73 13.49 12.06
CA ALA B 11 -8.96 12.70 12.08
C ALA B 11 -8.93 11.51 11.10
N ASP B 12 -9.76 10.50 11.38
CA ASP B 12 -9.83 9.34 10.52
C ASP B 12 -10.59 9.61 9.22
N SER B 13 -11.49 10.61 9.21
CA SER B 13 -12.24 10.92 8.00
C SER B 13 -12.54 12.42 7.88
N TRP B 14 -13.04 12.88 6.71
CA TRP B 14 -13.41 14.26 6.53
C TRP B 14 -14.60 14.59 7.42
N SER B 15 -15.56 13.64 7.60
CA SER B 15 -16.72 13.83 8.49
C SER B 15 -16.35 14.00 9.98
N LEU B 16 -15.12 13.65 10.37
CA LEU B 16 -14.59 13.82 11.72
C LEU B 16 -13.67 15.06 11.78
N ALA B 17 -12.99 15.38 10.67
CA ALA B 17 -12.12 16.53 10.55
C ALA B 17 -12.91 17.85 10.60
N VAL B 18 -14.07 17.90 9.94
CA VAL B 18 -14.91 19.10 9.93
C VAL B 18 -15.77 19.21 11.21
N ASP B 19 -16.24 20.42 11.52
CA ASP B 19 -17.12 20.69 12.65
C ASP B 19 -18.45 19.98 12.37
N SER B 20 -19.05 19.32 13.40
CA SER B 20 -20.31 18.57 13.25
C SER B 20 -21.50 19.44 12.80
N SER B 21 -21.48 20.74 13.10
CA SER B 21 -22.54 21.65 12.63
C SER B 21 -22.40 21.92 11.12
N PHE B 22 -21.16 21.84 10.58
CA PHE B 22 -20.85 22.05 9.17
C PHE B 22 -21.14 20.78 8.37
N LEU B 23 -20.83 19.61 8.94
CA LEU B 23 -21.09 18.31 8.31
C LEU B 23 -22.60 18.16 8.03
N GLN B 24 -23.43 18.50 9.05
CA GLN B 24 -24.88 18.44 9.01
C GLN B 24 -25.48 19.19 7.83
N GLN B 25 -24.83 20.29 7.41
CA GLN B 25 -25.29 21.10 6.28
C GLN B 25 -25.14 20.42 4.92
N HIS B 26 -24.44 19.27 4.85
CA HIS B 26 -24.18 18.63 3.56
C HIS B 26 -24.95 17.36 3.28
N LYS B 27 -25.08 17.04 1.97
CA LYS B 27 -25.70 15.81 1.47
C LYS B 27 -24.82 14.62 1.85
N LYS B 28 -25.39 13.42 1.75
CA LYS B 28 -24.68 12.18 2.04
C LYS B 28 -23.59 11.96 0.96
N GLU B 29 -23.93 12.20 -0.32
CA GLU B 29 -23.02 11.96 -1.44
C GLU B 29 -21.79 12.85 -1.40
N VAL B 30 -21.94 14.11 -0.90
CA VAL B 30 -20.84 15.06 -0.77
C VAL B 30 -19.88 14.62 0.33
N MET B 31 -20.39 14.17 1.48
CA MET B 31 -19.56 13.67 2.58
C MET B 31 -18.75 12.46 2.13
N LYS B 32 -19.38 11.58 1.34
CA LYS B 32 -18.73 10.38 0.83
C LYS B 32 -17.58 10.75 -0.10
N GLN B 33 -17.80 11.71 -1.00
CA GLN B 33 -16.75 12.16 -1.92
C GLN B 33 -15.60 12.81 -1.14
N GLN B 34 -15.95 13.61 -0.13
CA GLN B 34 -14.98 14.34 0.68
C GLN B 34 -14.16 13.46 1.59
N ASP B 35 -14.71 12.34 2.03
CA ASP B 35 -13.97 11.40 2.86
C ASP B 35 -12.84 10.78 2.03
N VAL B 36 -13.15 10.39 0.76
CA VAL B 36 -12.17 9.81 -0.16
C VAL B 36 -11.12 10.84 -0.62
N ILE B 37 -11.51 12.11 -0.77
CA ILE B 37 -10.55 13.16 -1.17
C ILE B 37 -9.56 13.46 -0.01
N TYR B 38 -10.08 13.45 1.22
CA TYR B 38 -9.30 13.65 2.44
C TYR B 38 -8.26 12.50 2.57
N GLU B 39 -8.66 11.26 2.23
CA GLU B 39 -7.74 10.13 2.29
C GLU B 39 -6.57 10.31 1.35
N LEU B 40 -6.79 10.88 0.15
CA LEU B 40 -5.74 11.14 -0.84
C LEU B 40 -4.72 12.14 -0.28
N ILE B 41 -5.19 13.24 0.30
CA ILE B 41 -4.28 14.23 0.85
C ILE B 41 -3.60 13.71 2.12
N GLN B 42 -4.31 12.93 2.94
CA GLN B 42 -3.74 12.39 4.17
C GLN B 42 -2.63 11.40 3.88
N THR B 43 -2.84 10.54 2.88
CA THR B 43 -1.83 9.54 2.50
C THR B 43 -0.67 10.18 1.71
N GLU B 44 -0.90 11.33 1.05
CA GLU B 44 0.16 12.05 0.35
C GLU B 44 1.06 12.75 1.35
N LEU B 45 0.49 13.29 2.43
CA LEU B 45 1.23 13.93 3.50
C LEU B 45 2.12 12.87 4.19
N HIS B 46 1.60 11.66 4.40
CA HIS B 46 2.39 10.57 5.00
C HIS B 46 3.49 10.11 4.08
N HIS B 47 3.24 10.09 2.77
CA HIS B 47 4.21 9.69 1.76
C HIS B 47 5.36 10.67 1.75
N VAL B 48 5.07 12.00 1.83
CA VAL B 48 6.06 13.08 1.86
C VAL B 48 6.87 13.00 3.19
N ARG B 49 6.18 12.69 4.30
CA ARG B 49 6.79 12.48 5.61
C ARG B 49 7.77 11.31 5.54
N THR B 50 7.45 10.25 4.80
CA THR B 50 8.35 9.10 4.64
C THR B 50 9.62 9.50 3.90
N LEU B 51 9.46 10.25 2.80
CA LEU B 51 10.59 10.71 2.03
C LEU B 51 11.45 11.71 2.80
N LYS B 52 10.87 12.52 3.72
CA LYS B 52 11.70 13.43 4.53
C LYS B 52 12.53 12.68 5.58
N ILE B 53 12.09 11.46 5.99
CA ILE B 53 12.76 10.56 6.94
C ILE B 53 13.99 9.97 6.23
N MET B 54 13.80 9.48 5.00
CA MET B 54 14.85 8.91 4.17
C MET B 54 15.93 9.92 3.87
N THR B 55 15.60 11.20 3.61
CA THR B 55 16.60 12.24 3.29
C THR B 55 17.22 12.95 4.51
N ARG B 56 16.37 13.47 5.42
CA ARG B 56 16.83 14.18 6.60
C ARG B 56 17.36 13.30 7.70
N LEU B 57 16.69 12.16 7.98
CA LEU B 57 17.12 11.31 9.07
C LEU B 57 18.12 10.22 8.65
N PHE B 58 17.76 9.39 7.66
CA PHE B 58 18.63 8.30 7.21
C PHE B 58 19.82 8.78 6.38
N ARG B 59 19.57 9.32 5.18
CA ARG B 59 20.58 9.80 4.22
C ARG B 59 21.55 10.83 4.80
N THR B 60 21.05 11.97 5.32
CA THR B 60 21.93 13.00 5.87
C THR B 60 22.60 12.56 7.20
N GLY B 61 21.91 11.74 7.99
CA GLY B 61 22.45 11.24 9.24
C GLY B 61 23.67 10.40 9.02
N MET B 62 23.64 9.56 7.97
CA MET B 62 24.75 8.70 7.57
C MET B 62 25.89 9.52 7.00
N LEU B 63 25.59 10.58 6.26
CA LEU B 63 26.62 11.44 5.69
C LEU B 63 27.35 12.25 6.76
N GLU B 64 26.64 12.75 7.77
CA GLU B 64 27.24 13.58 8.80
C GLU B 64 27.75 12.85 10.04
N GLU B 65 27.45 11.55 10.20
CA GLU B 65 27.88 10.81 11.39
C GLU B 65 28.64 9.53 11.11
N LEU B 66 28.58 9.01 9.89
CA LEU B 66 29.29 7.79 9.54
C LEU B 66 30.43 8.04 8.54
N HIS B 67 31.35 7.08 8.47
CA HIS B 67 32.50 7.14 7.59
C HIS B 67 32.45 6.06 6.50
N LEU B 68 31.55 6.27 5.52
CA LEU B 68 31.33 5.44 4.33
C LEU B 68 31.34 6.36 3.10
N GLU B 69 31.68 5.81 1.92
CA GLU B 69 31.71 6.62 0.69
C GLU B 69 30.33 7.25 0.33
N PRO B 70 30.27 8.44 -0.30
CA PRO B 70 28.96 9.00 -0.72
C PRO B 70 28.24 8.16 -1.79
N GLY B 71 28.97 7.26 -2.45
CA GLY B 71 28.44 6.30 -3.42
C GLY B 71 27.71 5.17 -2.73
N VAL B 72 28.08 4.85 -1.47
CA VAL B 72 27.43 3.86 -0.63
C VAL B 72 26.09 4.43 -0.17
N VAL B 73 26.06 5.68 0.29
CA VAL B 73 24.85 6.37 0.74
C VAL B 73 23.86 6.53 -0.44
N GLN B 74 24.40 6.78 -1.64
CA GLN B 74 23.62 6.93 -2.86
C GLN B 74 23.00 5.59 -3.28
N GLY B 75 23.73 4.51 -3.08
CA GLY B 75 23.25 3.16 -3.37
C GLY B 75 22.10 2.74 -2.47
N LEU B 76 22.08 3.27 -1.23
CA LEU B 76 21.06 3.00 -0.23
C LEU B 76 19.76 3.75 -0.53
N PHE B 77 19.82 5.06 -0.85
CA PHE B 77 18.63 5.91 -1.09
C PHE B 77 18.62 6.52 -2.51
N PRO B 78 18.44 5.70 -3.57
CA PRO B 78 18.45 6.29 -4.93
C PRO B 78 17.27 7.24 -5.18
N CYS B 79 17.51 8.32 -5.95
CA CYS B 79 16.52 9.33 -6.37
C CYS B 79 15.68 9.96 -5.25
N VAL B 80 16.10 9.90 -3.96
CA VAL B 80 15.28 10.44 -2.86
C VAL B 80 15.07 11.94 -2.94
N ASP B 81 16.08 12.68 -3.42
CA ASP B 81 15.95 14.12 -3.57
C ASP B 81 14.99 14.46 -4.70
N GLU B 82 15.08 13.71 -5.80
CA GLU B 82 14.24 13.92 -6.97
CA GLU B 82 14.22 13.96 -6.95
C GLU B 82 12.78 13.61 -6.63
N LEU B 83 12.55 12.56 -5.83
CA LEU B 83 11.22 12.13 -5.41
C LEU B 83 10.64 13.10 -4.40
N SER B 84 11.47 13.57 -3.47
CA SER B 84 11.01 14.47 -2.43
C SER B 84 10.58 15.83 -2.99
N ASP B 85 11.20 16.29 -4.07
CA ASP B 85 10.80 17.53 -4.70
C ASP B 85 9.52 17.34 -5.51
N ILE B 86 9.32 16.16 -6.13
CA ILE B 86 8.12 15.83 -6.92
C ILE B 86 6.89 15.77 -6.02
N HIS B 87 7.00 15.04 -4.90
CA HIS B 87 5.88 14.85 -4.01
C HIS B 87 5.60 16.05 -3.12
N THR B 88 6.63 16.80 -2.68
CA THR B 88 6.38 18.01 -1.89
C THR B 88 5.64 19.05 -2.73
N ARG B 89 5.92 19.13 -4.04
CA ARG B 89 5.19 20.05 -4.90
C ARG B 89 3.72 19.59 -5.11
N PHE B 90 3.48 18.29 -5.27
CA PHE B 90 2.14 17.74 -5.43
C PHE B 90 1.32 18.02 -4.17
N LEU B 91 1.91 17.77 -2.99
CA LEU B 91 1.31 18.01 -1.67
C LEU B 91 1.01 19.48 -1.50
N SER B 92 1.95 20.36 -1.90
CA SER B 92 1.79 21.79 -1.82
C SER B 92 0.53 22.29 -2.55
N GLN B 93 0.27 21.79 -3.76
CA GLN B 93 -0.92 22.16 -4.54
C GLN B 93 -2.20 21.57 -3.98
N LEU B 94 -2.13 20.41 -3.32
CA LEU B 94 -3.29 19.75 -2.71
C LEU B 94 -3.70 20.48 -1.44
N LEU B 95 -2.72 20.89 -0.62
CA LEU B 95 -2.98 21.59 0.62
C LEU B 95 -3.46 23.00 0.37
N GLU B 96 -3.00 23.64 -0.73
CA GLU B 96 -3.40 24.99 -1.12
C GLU B 96 -4.84 25.02 -1.63
N ARG B 97 -5.21 23.99 -2.38
CA ARG B 97 -6.55 23.81 -2.93
C ARG B 97 -7.58 23.68 -1.77
N ARG B 98 -7.19 22.97 -0.68
CA ARG B 98 -7.96 22.77 0.55
C ARG B 98 -8.09 24.09 1.31
N ARG B 99 -6.97 24.84 1.43
CA ARG B 99 -6.94 26.12 2.14
CA ARG B 99 -6.95 26.13 2.14
C ARG B 99 -7.85 27.16 1.46
N GLN B 100 -7.82 27.24 0.13
CA GLN B 100 -8.69 28.16 -0.59
C GLN B 100 -10.17 27.77 -0.46
N ALA B 101 -10.47 26.48 -0.19
CA ALA B 101 -11.83 25.98 0.00
C ALA B 101 -12.36 26.17 1.43
N LEU B 102 -11.52 26.62 2.39
CA LEU B 102 -11.93 26.83 3.77
C LEU B 102 -12.91 27.98 3.89
N CYS B 103 -13.85 27.86 4.81
CA CYS B 103 -14.83 28.92 5.07
C CYS B 103 -14.17 30.07 5.79
N PRO B 104 -14.62 31.31 5.56
CA PRO B 104 -14.10 32.45 6.34
C PRO B 104 -14.41 32.25 7.84
N GLY B 105 -13.42 32.50 8.68
CA GLY B 105 -13.51 32.30 10.12
C GLY B 105 -13.35 30.85 10.55
N SER B 106 -12.74 30.01 9.70
CA SER B 106 -12.57 28.60 10.01
C SER B 106 -11.27 28.06 9.47
N THR B 107 -10.68 27.11 10.18
CA THR B 107 -9.47 26.43 9.74
C THR B 107 -9.69 24.92 9.57
N ARG B 108 -10.95 24.43 9.62
CA ARG B 108 -11.25 23.00 9.45
C ARG B 108 -12.35 22.69 8.46
N ASN B 109 -13.35 23.56 8.33
CA ASN B 109 -14.48 23.37 7.45
C ASN B 109 -14.18 23.78 6.02
N PHE B 110 -14.12 22.80 5.11
CA PHE B 110 -13.84 22.99 3.68
C PHE B 110 -14.58 21.96 2.83
N VAL B 111 -14.73 22.20 1.52
CA VAL B 111 -15.35 21.29 0.56
C VAL B 111 -14.60 21.45 -0.77
N ILE B 112 -13.90 20.44 -1.20
CA ILE B 112 -13.15 20.45 -2.44
C ILE B 112 -14.03 19.98 -3.59
N HIS B 113 -14.45 20.92 -4.44
CA HIS B 113 -15.33 20.65 -5.57
C HIS B 113 -14.57 20.26 -6.84
N ARG B 114 -13.41 20.88 -7.06
N ARG B 114 -13.40 20.87 -7.05
CA ARG B 114 -12.60 20.62 -8.26
CA ARG B 114 -12.59 20.63 -8.23
C ARG B 114 -11.25 20.00 -7.92
C ARG B 114 -11.26 20.00 -7.86
N LEU B 115 -11.06 18.73 -8.25
N LEU B 115 -11.04 18.76 -8.26
CA LEU B 115 -9.79 18.05 -8.00
CA LEU B 115 -9.78 18.06 -7.99
C LEU B 115 -9.17 17.51 -9.29
C LEU B 115 -9.17 17.52 -9.29
N GLY B 116 -10.02 17.09 -10.23
CA GLY B 116 -9.58 16.54 -11.50
C GLY B 116 -8.62 17.38 -12.30
N ASP B 117 -8.81 18.72 -12.32
CA ASP B 117 -7.89 19.60 -13.05
C ASP B 117 -6.49 19.54 -12.46
N LEU B 118 -6.40 19.45 -11.11
CA LEU B 118 -5.16 19.37 -10.37
C LEU B 118 -4.43 18.04 -10.66
N LEU B 119 -5.18 16.91 -10.71
CA LEU B 119 -4.62 15.60 -11.01
C LEU B 119 -4.25 15.47 -12.49
N ILE B 120 -4.99 16.14 -13.40
CA ILE B 120 -4.65 16.11 -14.84
C ILE B 120 -3.32 16.83 -15.04
N SER B 121 -3.10 17.95 -14.33
CA SER B 121 -1.86 18.72 -14.43
CA SER B 121 -1.86 18.72 -14.44
C SER B 121 -0.66 17.89 -13.93
N GLN B 122 -0.83 17.24 -12.77
CA GLN B 122 0.22 16.44 -12.16
C GLN B 122 0.59 15.20 -12.99
N PHE B 123 -0.42 14.47 -13.49
CA PHE B 123 -0.17 13.23 -14.22
C PHE B 123 -0.09 13.42 -15.73
N SER B 124 0.26 14.63 -16.20
CA SER B 124 0.46 14.89 -17.62
C SER B 124 1.55 15.96 -17.84
N GLY B 125 2.16 15.93 -19.02
CA GLY B 125 3.21 16.87 -19.39
C GLY B 125 4.51 16.55 -18.69
N PRO B 126 5.38 17.57 -18.58
CA PRO B 126 6.69 17.36 -17.95
C PRO B 126 6.68 16.79 -16.52
N SER B 127 5.67 17.09 -15.67
CA SER B 127 5.58 16.50 -14.33
C SER B 127 5.34 14.99 -14.37
N ALA B 128 4.61 14.50 -15.39
CA ALA B 128 4.37 13.06 -15.57
C ALA B 128 5.63 12.38 -16.12
N GLU B 129 6.37 13.07 -16.99
CA GLU B 129 7.59 12.53 -17.56
C GLU B 129 8.73 12.45 -16.52
N GLN B 130 8.69 13.33 -15.53
CA GLN B 130 9.71 13.34 -14.47
CA GLN B 130 9.65 13.40 -14.42
C GLN B 130 9.41 12.24 -13.44
N MET B 131 8.13 11.86 -13.25
CA MET B 131 7.72 10.77 -12.35
C MET B 131 7.99 9.44 -13.03
N CYS B 132 7.72 9.33 -14.34
CA CYS B 132 7.95 8.10 -15.11
C CYS B 132 9.42 7.74 -15.09
N LYS B 133 10.28 8.73 -15.32
CA LYS B 133 11.74 8.61 -15.37
C LYS B 133 12.34 8.34 -13.96
N THR B 134 11.80 8.97 -12.90
CA THR B 134 12.31 8.77 -11.54
C THR B 134 11.87 7.45 -10.93
N TYR B 135 10.63 7.00 -11.18
CA TYR B 135 10.14 5.74 -10.62
C TYR B 135 10.74 4.55 -11.34
N SER B 136 10.97 4.65 -12.66
CA SER B 136 11.62 3.58 -13.42
C SER B 136 13.03 3.33 -12.88
N GLU B 137 13.73 4.41 -12.48
CA GLU B 137 15.09 4.36 -11.93
CA GLU B 137 15.08 4.30 -11.93
C GLU B 137 15.06 3.81 -10.49
N PHE B 138 14.17 4.37 -9.64
CA PHE B 138 14.06 3.96 -8.23
C PHE B 138 13.73 2.48 -8.07
N CYS B 139 12.70 2.01 -8.75
CA CYS B 139 12.25 0.64 -8.65
C CYS B 139 13.24 -0.35 -9.25
N SER B 140 14.13 0.10 -10.17
CA SER B 140 15.17 -0.76 -10.73
C SER B 140 16.28 -0.95 -9.72
N ARG B 141 16.62 0.09 -8.95
CA ARG B 141 17.66 0.08 -7.92
C ARG B 141 17.17 -0.36 -6.53
N HIS B 142 15.88 -0.70 -6.40
CA HIS B 142 15.18 -1.15 -5.20
C HIS B 142 15.85 -2.36 -4.54
N SER B 143 16.03 -3.48 -5.26
CA SER B 143 16.63 -4.69 -4.70
CA SER B 143 16.63 -4.70 -4.71
C SER B 143 18.10 -4.48 -4.35
N LYS B 144 18.82 -3.68 -5.13
CA LYS B 144 20.22 -3.39 -4.92
C LYS B 144 20.40 -2.62 -3.61
N ALA B 145 19.45 -1.71 -3.28
CA ALA B 145 19.46 -0.92 -2.06
C ALA B 145 19.29 -1.79 -0.81
N LEU B 146 18.34 -2.75 -0.83
CA LEU B 146 18.04 -3.69 0.26
C LEU B 146 19.20 -4.63 0.57
N LYS B 147 19.92 -5.08 -0.47
CA LYS B 147 21.07 -5.94 -0.29
C LYS B 147 22.25 -5.15 0.29
N LEU B 148 22.40 -3.90 -0.13
CA LEU B 148 23.44 -3.00 0.38
C LEU B 148 23.18 -2.70 1.87
N TYR B 149 21.91 -2.52 2.25
CA TYR B 149 21.52 -2.27 3.62
C TYR B 149 21.79 -3.52 4.47
N LYS B 150 21.38 -4.69 3.99
CA LYS B 150 21.59 -5.95 4.68
C LYS B 150 23.07 -6.28 4.85
N GLU B 151 23.90 -5.96 3.85
CA GLU B 151 25.34 -6.18 3.89
C GLU B 151 25.96 -5.25 4.94
N LEU B 152 25.65 -3.94 4.87
CA LEU B 152 26.14 -2.89 5.76
C LEU B 152 25.80 -3.15 7.22
N TYR B 153 24.53 -3.47 7.50
CA TYR B 153 24.04 -3.72 8.85
C TYR B 153 24.70 -4.96 9.45
N ALA B 154 24.92 -6.01 8.64
CA ALA B 154 25.56 -7.22 9.13
C ALA B 154 27.07 -7.18 9.15
N ARG B 155 27.71 -6.10 8.68
CA ARG B 155 29.18 -6.04 8.64
C ARG B 155 29.79 -4.79 9.30
N ASP B 156 29.02 -3.69 9.49
CA ASP B 156 29.53 -2.49 10.17
C ASP B 156 28.80 -2.27 11.51
N LYS B 157 29.57 -2.18 12.61
CA LYS B 157 29.07 -1.96 13.97
C LYS B 157 28.52 -0.55 14.15
N ARG B 158 29.21 0.44 13.55
CA ARG B 158 28.80 1.84 13.62
C ARG B 158 27.51 2.09 12.86
N PHE B 159 27.31 1.42 11.72
CA PHE B 159 26.07 1.51 10.94
C PHE B 159 24.93 0.87 11.74
N GLN B 160 25.18 -0.26 12.42
CA GLN B 160 24.21 -0.94 13.26
C GLN B 160 23.77 -0.03 14.39
N GLN B 161 24.73 0.62 15.10
CA GLN B 161 24.45 1.55 16.21
C GLN B 161 23.74 2.81 15.73
N PHE B 162 23.97 3.22 14.47
CA PHE B 162 23.31 4.40 13.92
C PHE B 162 21.84 4.06 13.67
N ILE B 163 21.60 2.92 13.00
CA ILE B 163 20.27 2.45 12.64
C ILE B 163 19.44 2.12 13.87
N ARG B 164 20.01 1.40 14.84
CA ARG B 164 19.31 1.07 16.07
C ARG B 164 18.91 2.31 16.84
N LYS B 165 19.78 3.34 16.83
CA LYS B 165 19.59 4.63 17.50
C LYS B 165 18.53 5.52 16.81
N VAL B 166 18.62 5.73 15.47
CA VAL B 166 17.66 6.60 14.79
C VAL B 166 16.26 5.98 14.65
N THR B 167 16.18 4.65 14.65
CA THR B 167 14.89 3.96 14.53
C THR B 167 14.38 3.45 15.90
N ARG B 168 14.84 4.08 17.00
CA ARG B 168 14.41 3.69 18.35
C ARG B 168 13.09 4.32 18.80
N PRO B 169 12.74 5.58 18.41
CA PRO B 169 11.48 6.16 18.89
C PRO B 169 10.27 5.42 18.36
N ALA B 170 9.23 5.24 19.21
CA ALA B 170 7.98 4.54 18.85
C ALA B 170 7.35 5.04 17.56
N VAL B 171 7.42 6.34 17.28
CA VAL B 171 6.85 6.91 16.06
C VAL B 171 7.56 6.46 14.79
N LEU B 172 8.74 5.84 14.89
CA LEU B 172 9.45 5.34 13.70
C LEU B 172 9.25 3.82 13.48
N LYS B 173 8.29 3.20 14.20
CA LYS B 173 7.99 1.77 14.18
C LYS B 173 7.81 1.18 12.79
N ARG B 174 7.00 1.85 11.94
CA ARG B 174 6.75 1.41 10.56
C ARG B 174 7.78 1.93 9.56
N HIS B 175 8.69 2.82 9.98
CA HIS B 175 9.64 3.45 9.07
C HIS B 175 11.09 3.05 9.26
N GLY B 176 11.42 1.87 8.80
CA GLY B 176 12.79 1.41 8.77
C GLY B 176 13.42 1.81 7.43
N VAL B 177 14.67 1.40 7.15
CA VAL B 177 15.29 1.72 5.85
C VAL B 177 14.59 0.94 4.74
N GLN B 178 14.23 -0.32 5.01
CA GLN B 178 13.59 -1.20 4.07
C GLN B 178 12.11 -0.95 3.93
N GLU B 179 11.42 -0.62 5.03
CA GLU B 179 9.99 -0.29 4.94
C GLU B 179 9.80 1.02 4.19
N CYS B 180 10.71 1.99 4.35
CA CYS B 180 10.66 3.24 3.61
C CYS B 180 10.77 2.99 2.11
N ILE B 181 11.72 2.15 1.69
CA ILE B 181 11.93 1.84 0.28
C ILE B 181 10.69 1.18 -0.31
N LEU B 182 10.05 0.27 0.42
CA LEU B 182 8.84 -0.38 -0.08
C LEU B 182 7.65 0.55 -0.07
N LEU B 183 7.54 1.41 0.95
CA LEU B 183 6.48 2.41 1.07
C LEU B 183 6.48 3.34 -0.14
N VAL B 184 7.69 3.72 -0.62
CA VAL B 184 7.83 4.59 -1.80
C VAL B 184 7.39 3.86 -3.06
N THR B 185 7.94 2.65 -3.30
CA THR B 185 7.67 1.76 -4.44
C THR B 185 6.16 1.45 -4.58
N GLN B 186 5.48 1.15 -3.49
CA GLN B 186 4.05 0.83 -3.51
C GLN B 186 3.12 2.05 -3.73
N ARG B 187 3.60 3.28 -3.47
CA ARG B 187 2.80 4.51 -3.55
C ARG B 187 2.19 4.77 -4.90
N ILE B 188 2.95 4.62 -5.98
CA ILE B 188 2.44 4.87 -7.32
C ILE B 188 1.19 4.08 -7.68
N THR B 189 1.10 2.85 -7.18
CA THR B 189 -0.03 1.97 -7.44
C THR B 189 -1.27 2.26 -6.57
N LYS B 190 -1.14 3.19 -5.60
CA LYS B 190 -2.26 3.58 -4.73
C LYS B 190 -3.14 4.61 -5.41
N TYR B 191 -2.58 5.44 -6.31
CA TYR B 191 -3.30 6.50 -7.01
C TYR B 191 -4.50 5.98 -7.81
N PRO B 192 -4.44 4.92 -8.66
CA PRO B 192 -5.66 4.48 -9.36
C PRO B 192 -6.72 3.86 -8.45
N LEU B 193 -6.38 3.48 -7.21
CA LEU B 193 -7.36 2.95 -6.28
CA LEU B 193 -7.37 2.96 -6.27
C LEU B 193 -8.15 4.14 -5.69
N LEU B 194 -7.43 5.22 -5.31
CA LEU B 194 -8.00 6.45 -4.77
C LEU B 194 -8.78 7.26 -5.82
N ILE B 195 -8.19 7.47 -7.01
CA ILE B 195 -8.85 8.24 -8.06
C ILE B 195 -10.15 7.56 -8.55
N SER B 196 -10.23 6.21 -8.54
CA SER B 196 -11.42 5.50 -8.98
CA SER B 196 -11.42 5.50 -8.98
CA SER B 196 -11.42 5.49 -8.97
C SER B 196 -12.55 5.60 -7.93
N ARG B 197 -12.19 5.70 -6.63
CA ARG B 197 -13.19 5.79 -5.58
C ARG B 197 -13.73 7.24 -5.49
N ILE B 198 -12.86 8.25 -5.77
CA ILE B 198 -13.30 9.65 -5.83
C ILE B 198 -14.24 9.77 -7.05
N LEU B 199 -13.81 9.26 -8.20
CA LEU B 199 -14.60 9.22 -9.44
C LEU B 199 -15.97 8.52 -9.24
N GLN B 200 -16.04 7.51 -8.36
CA GLN B 200 -17.27 6.78 -8.07
C GLN B 200 -18.34 7.68 -7.45
N HIS B 201 -17.91 8.68 -6.65
CA HIS B 201 -18.77 9.63 -5.94
C HIS B 201 -18.71 11.05 -6.51
N SER B 202 -18.31 11.20 -7.78
CA SER B 202 -18.20 12.51 -8.39
C SER B 202 -19.03 12.63 -9.65
N HIS B 203 -20.19 11.97 -9.68
CA HIS B 203 -21.10 12.00 -10.84
C HIS B 203 -22.08 13.18 -10.86
N GLY B 204 -22.12 13.99 -9.80
CA GLY B 204 -23.01 15.14 -9.71
C GLY B 204 -22.75 16.24 -10.70
N ILE B 205 -21.47 16.66 -10.81
CA ILE B 205 -21.06 17.68 -11.77
CA ILE B 205 -21.07 17.67 -11.78
C ILE B 205 -20.40 16.92 -12.92
N GLU B 206 -20.99 16.97 -14.13
CA GLU B 206 -20.44 16.22 -15.27
C GLU B 206 -19.01 16.64 -15.65
N GLU B 207 -18.64 17.93 -15.43
CA GLU B 207 -17.28 18.39 -15.72
C GLU B 207 -16.25 17.70 -14.81
N GLU B 208 -16.58 17.50 -13.54
CA GLU B 208 -15.69 16.82 -12.58
C GLU B 208 -15.55 15.34 -12.90
N ARG B 209 -16.65 14.71 -13.32
CA ARG B 209 -16.62 13.31 -13.67
C ARG B 209 -15.71 13.05 -14.86
N GLN B 210 -15.71 13.93 -15.87
CA GLN B 210 -14.87 13.72 -17.04
C GLN B 210 -13.39 14.03 -16.77
N ASP B 211 -13.10 15.00 -15.87
CA ASP B 211 -11.73 15.38 -15.51
C ASP B 211 -11.05 14.27 -14.74
N LEU B 212 -11.77 13.65 -13.81
CA LEU B 212 -11.30 12.51 -13.02
C LEU B 212 -11.15 11.27 -13.92
N THR B 213 -12.07 11.10 -14.89
CA THR B 213 -12.05 10.02 -15.88
C THR B 213 -10.72 10.08 -16.66
N THR B 214 -10.33 11.30 -17.07
CA THR B 214 -9.10 11.56 -17.82
C THR B 214 -7.88 11.36 -16.94
N ALA B 215 -7.91 11.92 -15.71
CA ALA B 215 -6.83 11.79 -14.73
C ALA B 215 -6.52 10.35 -14.44
N LEU B 216 -7.56 9.48 -14.35
CA LEU B 216 -7.39 8.05 -14.10
C LEU B 216 -6.66 7.31 -15.27
N GLY B 217 -6.94 7.73 -16.50
CA GLY B 217 -6.28 7.20 -17.68
C GLY B 217 -4.82 7.64 -17.73
N LEU B 218 -4.54 8.86 -17.26
CA LEU B 218 -3.19 9.41 -17.18
C LEU B 218 -2.34 8.64 -16.17
N VAL B 219 -2.92 8.30 -15.00
CA VAL B 219 -2.21 7.53 -13.97
C VAL B 219 -1.90 6.12 -14.50
N LYS B 220 -2.90 5.45 -15.12
CA LYS B 220 -2.71 4.10 -15.67
C LYS B 220 -1.69 4.08 -16.79
N GLU B 221 -1.61 5.14 -17.61
CA GLU B 221 -0.62 5.21 -18.68
CA GLU B 221 -0.61 5.21 -18.68
C GLU B 221 0.78 5.39 -18.10
N LEU B 222 0.89 6.16 -17.00
CA LEU B 222 2.14 6.42 -16.30
C LEU B 222 2.64 5.13 -15.62
N LEU B 223 1.73 4.42 -14.93
CA LEU B 223 2.04 3.16 -14.27
C LEU B 223 2.49 2.11 -15.25
N SER B 224 1.86 2.05 -16.42
CA SER B 224 2.24 1.08 -17.44
CA SER B 224 2.22 1.09 -17.47
C SER B 224 3.62 1.39 -18.02
N ASN B 225 4.00 2.68 -18.08
CA ASN B 225 5.30 3.08 -18.60
C ASN B 225 6.41 2.85 -17.56
N VAL B 226 6.12 3.07 -16.28
CA VAL B 226 7.07 2.82 -15.20
C VAL B 226 7.37 1.30 -15.16
N ASP B 227 6.32 0.47 -15.15
CA ASP B 227 6.41 -0.99 -15.13
C ASP B 227 7.18 -1.55 -16.34
N GLU B 228 6.97 -0.97 -17.53
CA GLU B 228 7.63 -1.44 -18.73
C GLU B 228 9.12 -1.07 -18.81
N GLY B 229 9.58 -0.14 -17.99
CA GLY B 229 10.98 0.26 -17.97
C GLY B 229 11.74 -0.22 -16.76
N ILE B 230 11.22 -1.21 -16.03
CA ILE B 230 11.90 -1.77 -14.86
C ILE B 230 12.73 -3.01 -15.22
N TYR B 231 13.99 -3.02 -14.76
CA TYR B 231 14.90 -4.13 -14.90
C TYR B 231 15.82 -4.08 -13.69
N GLN B 232 15.65 -5.02 -12.74
CA GLN B 232 16.43 -5.07 -11.50
C GLN B 232 17.93 -5.05 -11.69
N LEU B 233 18.59 -4.19 -10.93
CA LEU B 233 20.03 -4.04 -10.98
C LEU B 233 20.65 -4.91 -9.90
N GLU B 234 21.79 -5.54 -10.21
CA GLU B 234 22.46 -6.39 -9.23
C GLU B 234 23.90 -5.93 -9.05
N LYS B 235 24.35 -5.79 -7.80
CA LYS B 235 25.71 -5.32 -7.53
C LYS B 235 26.73 -6.37 -7.93
N GLY B 236 27.52 -6.05 -8.96
CA GLY B 236 28.53 -6.97 -9.47
C GLY B 236 27.92 -7.98 -10.43
N ALA B 237 26.95 -7.53 -11.25
CA ALA B 237 26.34 -8.39 -12.25
C ALA B 237 27.11 -8.20 -13.55
N ARG B 238 27.66 -9.29 -14.06
CA ARG B 238 28.48 -9.31 -15.26
C ARG B 238 27.70 -8.95 -16.51
N LEU B 239 28.41 -8.47 -17.53
CA LEU B 239 27.79 -8.08 -18.79
CA LEU B 239 27.80 -8.07 -18.80
C LEU B 239 27.12 -9.25 -19.49
N GLN B 240 27.65 -10.46 -19.32
CA GLN B 240 27.06 -11.65 -19.92
C GLN B 240 25.70 -11.97 -19.30
N GLU B 241 25.53 -11.75 -17.99
CA GLU B 241 24.26 -12.02 -17.31
C GLU B 241 23.15 -11.10 -17.78
N ILE B 242 23.47 -9.83 -18.06
CA ILE B 242 22.51 -8.80 -18.47
C ILE B 242 21.95 -9.05 -19.90
N TYR B 243 22.77 -9.51 -20.87
CA TYR B 243 22.24 -9.77 -22.20
C TYR B 243 21.69 -11.19 -22.41
N ASN B 244 21.62 -12.01 -21.35
CA ASN B 244 21.09 -13.38 -21.45
C ASN B 244 19.59 -13.38 -21.15
S DMS C . -11.42 -24.53 8.11
O DMS C . -11.29 -25.77 7.30
C1 DMS C . -11.25 -24.96 9.85
C2 DMS C . -13.16 -24.05 8.18
C FMT D . -13.17 -0.42 0.71
O1 FMT D . -13.84 -0.08 -0.28
O2 FMT D . -11.86 -0.74 0.69
C FMT E . 12.71 -9.05 -6.54
O1 FMT E . 11.86 -9.86 -6.17
O2 FMT E . 13.50 -9.24 -7.63
C10 Z3O F . -18.10 7.05 3.07
C13 Z3O F . -18.00 5.49 0.74
C15 Z3O F . -18.83 5.89 3.00
C17 Z3O F . -18.43 2.46 6.78
C01 Z3O F . -19.22 0.68 8.23
C02 Z3O F . -19.54 2.06 7.63
C03 Z3O F . -20.81 1.94 6.97
C04 Z3O F . -21.18 3.15 6.08
N05 Z3O F . -20.09 4.04 5.68
C06 Z3O F . -20.43 4.63 4.67
C07 Z3O F . -19.51 5.78 4.24
C08 Z3O F . -19.15 6.89 5.00
N09 Z3O F . -18.31 7.63 4.29
C11 Z3O F . -17.28 7.43 1.96
C12 Z3O F . -17.25 6.66 0.81
C14 Z3O F . -18.78 5.10 1.82
C16 Z3O F . -18.76 3.43 5.64
S DMS G . -15.30 29.71 0.92
O DMS G . -14.65 29.25 -0.35
C1 DMS G . -16.71 28.62 1.26
C2 DMS G . -16.27 31.21 0.55
S DMS H . -20.58 14.70 -6.34
O DMS H . -21.63 13.75 -6.84
C1 DMS H . -20.83 14.86 -4.55
C2 DMS H . -21.06 16.39 -6.78
C FMT I . -12.65 23.90 -5.15
O1 FMT I . -11.77 23.03 -5.13
O2 FMT I . -13.65 24.03 -4.23
C FMT J . -8.79 1.22 -11.23
O1 FMT J . -9.60 0.74 -12.01
O2 FMT J . -8.11 0.52 -10.30
C FMT K . 16.54 10.63 -11.58
O1 FMT K . 16.05 10.20 -12.62
O2 FMT K . 17.68 10.15 -11.00
C FMT L . -20.99 23.51 -5.99
O1 FMT L . -21.38 22.72 -6.85
O2 FMT L . -21.52 23.60 -4.74
#